data_1HU7
#
_entry.id   1HU7
#
_cell.length_a   ?
_cell.length_b   ?
_cell.length_c   ?
_cell.angle_alpha   ?
_cell.angle_beta   ?
_cell.angle_gamma   ?
#
_entity_poly.entity_id   1
_entity_poly.type   'polypeptide(L)'
_entity_poly.pdbx_seq_one_letter_code
;KNLRRITRKIIHIIKKYG
;
_entity_poly.pdbx_strand_id   A
#
# COMPACT_ATOMS: atom_id res chain seq x y z
N LYS A 1 -0.70 -0.81 2.66
CA LYS A 1 0.10 0.03 1.77
C LYS A 1 -0.48 -0.03 0.36
N ASN A 2 0.11 0.74 -0.53
CA ASN A 2 -0.34 0.79 -1.91
C ASN A 2 -0.36 -0.62 -2.48
N LEU A 3 -0.73 -0.71 -3.76
CA LEU A 3 -0.80 -2.00 -4.43
C LEU A 3 -1.56 -2.99 -3.55
N ARG A 4 -2.86 -2.77 -3.44
CA ARG A 4 -3.70 -3.64 -2.64
C ARG A 4 -3.84 -5.01 -3.29
N ARG A 5 -2.71 -5.71 -3.36
CA ARG A 5 -2.69 -7.03 -3.97
C ARG A 5 -2.62 -6.92 -5.49
N ILE A 6 -2.66 -5.68 -5.97
CA ILE A 6 -2.61 -5.43 -7.39
C ILE A 6 -1.75 -6.50 -8.06
N THR A 7 -0.71 -6.91 -7.36
CA THR A 7 0.20 -7.93 -7.87
C THR A 7 -0.58 -8.98 -8.66
N ARG A 8 -1.80 -9.24 -8.20
CA ARG A 8 -2.65 -10.22 -8.84
C ARG A 8 -3.03 -9.76 -10.26
N LYS A 9 -3.46 -8.50 -10.32
CA LYS A 9 -3.85 -7.93 -11.61
C LYS A 9 -2.63 -7.85 -12.51
N ILE A 10 -1.48 -7.66 -11.89
CA ILE A 10 -0.23 -7.56 -12.62
C ILE A 10 -0.01 -8.85 -13.44
N ILE A 11 -0.14 -9.97 -12.75
CA ILE A 11 0.04 -11.26 -13.39
C ILE A 11 -1.12 -11.51 -14.35
N HIS A 12 -2.29 -11.01 -13.96
CA HIS A 12 -3.48 -11.18 -14.77
C HIS A 12 -3.27 -10.53 -16.14
N ILE A 13 -2.89 -9.27 -16.11
CA ILE A 13 -2.64 -8.52 -17.34
C ILE A 13 -1.84 -9.39 -18.30
N ILE A 14 -0.64 -9.75 -17.87
CA ILE A 14 0.24 -10.58 -18.69
C ILE A 14 -0.53 -11.82 -19.15
N LYS A 15 -1.27 -12.40 -18.22
CA LYS A 15 -2.06 -13.59 -18.51
C LYS A 15 -3.27 -13.19 -19.35
N LYS A 16 -3.48 -11.90 -19.45
CA LYS A 16 -4.60 -11.38 -20.21
C LYS A 16 -4.08 -10.61 -21.43
N TYR A 17 -2.96 -9.92 -21.22
CA TYR A 17 -2.35 -9.14 -22.28
C TYR A 17 -1.18 -9.90 -22.90
N GLY A 18 -1.03 -11.15 -22.47
CA GLY A 18 0.04 -11.99 -22.98
C GLY A 18 0.37 -11.65 -24.43
N LYS A 1 -0.70 -0.81 2.66
CA LYS A 1 0.10 0.03 1.77
C LYS A 1 0.58 1.26 2.53
N ASN A 2 1.54 1.03 3.40
CA ASN A 2 2.10 2.11 4.20
C ASN A 2 0.99 2.74 5.05
N LEU A 3 1.41 3.57 5.99
CA LEU A 3 0.46 4.24 6.87
C LEU A 3 1.09 5.54 7.39
N ARG A 4 1.58 6.34 6.45
CA ARG A 4 2.20 7.60 6.80
C ARG A 4 1.19 8.74 6.66
N ARG A 5 0.25 8.78 7.59
CA ARG A 5 -0.78 9.81 7.58
C ARG A 5 -1.89 9.44 6.60
N ILE A 6 -1.69 8.32 5.92
CA ILE A 6 -2.66 7.85 4.95
C ILE A 6 -4.07 8.25 5.41
N THR A 7 -4.27 8.21 6.72
CA THR A 7 -5.55 8.56 7.29
C THR A 7 -6.18 9.72 6.51
N ARG A 8 -5.31 10.61 6.04
CA ARG A 8 -5.77 11.77 5.29
C ARG A 8 -6.41 11.32 3.98
N LYS A 9 -5.71 10.45 3.27
CA LYS A 9 -6.20 9.95 2.00
C LYS A 9 -7.47 9.14 2.23
N ILE A 10 -7.53 8.51 3.41
CA ILE A 10 -8.68 7.71 3.77
C ILE A 10 -9.94 8.58 3.74
N ILE A 11 -9.85 9.71 4.42
CA ILE A 11 -10.97 10.64 4.48
C ILE A 11 -11.18 11.27 3.10
N HIS A 12 -10.07 11.46 2.40
CA HIS A 12 -10.12 12.06 1.07
C HIS A 12 -10.97 11.19 0.15
N ILE A 13 -10.60 9.92 0.08
CA ILE A 13 -11.32 8.97 -0.75
C ILE A 13 -12.82 9.18 -0.58
N ILE A 14 -13.28 8.97 0.64
CA ILE A 14 -14.69 9.13 0.95
C ILE A 14 -15.16 10.50 0.45
N LYS A 15 -14.34 11.50 0.71
CA LYS A 15 -14.66 12.86 0.30
C LYS A 15 -14.48 12.98 -1.22
N LYS A 16 -13.87 11.95 -1.79
CA LYS A 16 -13.64 11.93 -3.23
C LYS A 16 -14.48 10.82 -3.86
N TYR A 17 -14.61 9.72 -3.14
CA TYR A 17 -15.38 8.59 -3.63
C TYR A 17 -16.77 8.58 -3.00
N GLY A 18 -17.07 9.65 -2.26
CA GLY A 18 -18.36 9.76 -1.61
C GLY A 18 -19.46 9.09 -2.43
N LYS A 1 -0.70 -0.81 2.66
CA LYS A 1 0.10 0.03 1.77
C LYS A 1 1.49 0.22 2.38
N ASN A 2 1.49 0.57 3.66
CA ASN A 2 2.74 0.79 4.37
C ASN A 2 3.12 -0.48 5.14
N LEU A 3 2.72 -1.62 4.58
CA LEU A 3 3.01 -2.90 5.20
C LEU A 3 2.81 -4.01 4.18
N ARG A 4 3.27 -3.75 2.96
CA ARG A 4 3.16 -4.72 1.88
C ARG A 4 4.50 -5.40 1.63
N ARG A 5 4.79 -6.38 2.48
CA ARG A 5 6.03 -7.13 2.36
C ARG A 5 7.20 -6.29 2.87
N ILE A 6 6.87 -5.09 3.33
CA ILE A 6 7.88 -4.18 3.85
C ILE A 6 8.99 -4.99 4.52
N THR A 7 8.58 -6.07 5.16
CA THR A 7 9.52 -6.94 5.85
C THR A 7 10.82 -7.05 5.06
N ARG A 8 10.69 -7.01 3.74
CA ARG A 8 11.84 -7.10 2.86
C ARG A 8 12.75 -5.88 3.05
N LYS A 9 12.11 -4.70 3.02
CA LYS A 9 12.84 -3.46 3.18
C LYS A 9 13.45 -3.41 4.59
N ILE A 10 12.76 -4.04 5.52
CA ILE A 10 13.21 -4.07 6.90
C ILE A 10 14.59 -4.72 6.96
N ILE A 11 14.69 -5.89 6.33
CA ILE A 11 15.95 -6.62 6.32
C ILE A 11 16.95 -5.87 5.44
N HIS A 12 16.43 -5.22 4.41
CA HIS A 12 17.27 -4.47 3.49
C HIS A 12 17.99 -3.36 4.26
N ILE A 13 17.21 -2.55 4.96
CA ILE A 13 17.76 -1.45 5.73
C ILE A 13 19.00 -1.94 6.49
N ILE A 14 18.76 -2.90 7.38
CA ILE A 14 19.85 -3.47 8.17
C ILE A 14 20.99 -3.88 7.24
N LYS A 15 20.62 -4.52 6.15
CA LYS A 15 21.60 -4.98 5.18
C LYS A 15 22.14 -3.76 4.41
N LYS A 16 21.48 -2.64 4.60
CA LYS A 16 21.88 -1.41 3.94
C LYS A 16 22.39 -0.41 4.97
N TYR A 17 21.74 -0.42 6.13
CA TYR A 17 22.12 0.48 7.21
C TYR A 17 22.97 -0.24 8.24
N GLY A 18 23.33 -1.47 7.92
CA GLY A 18 24.15 -2.27 8.80
C GLY A 18 25.12 -1.39 9.61
N LYS A 1 -0.70 -0.81 2.66
CA LYS A 1 0.10 0.03 1.77
C LYS A 1 -0.68 1.29 1.43
N ASN A 2 -0.90 2.11 2.46
CA ASN A 2 -1.63 3.35 2.29
C ASN A 2 -3.08 3.04 1.91
N LEU A 3 -3.28 2.75 0.63
CA LEU A 3 -4.60 2.43 0.13
C LEU A 3 -5.43 3.73 0.03
N ARG A 4 -4.77 4.77 -0.45
CA ARG A 4 -5.43 6.06 -0.59
C ARG A 4 -5.96 6.23 -2.02
N ARG A 5 -7.04 5.52 -2.30
CA ARG A 5 -7.65 5.57 -3.61
C ARG A 5 -6.89 4.68 -4.59
N ILE A 6 -5.82 4.10 -4.09
CA ILE A 6 -4.98 3.23 -4.91
C ILE A 6 -5.88 2.50 -5.93
N THR A 7 -7.07 2.17 -5.49
CA THR A 7 -8.02 1.47 -6.34
C THR A 7 -7.91 1.98 -7.78
N ARG A 8 -7.61 3.27 -7.90
CA ARG A 8 -7.47 3.87 -9.22
C ARG A 8 -6.26 3.29 -9.95
N LYS A 9 -5.15 3.25 -9.25
CA LYS A 9 -3.92 2.71 -9.82
C LYS A 9 -4.11 1.22 -10.12
N ILE A 10 -4.95 0.60 -9.30
CA ILE A 10 -5.21 -0.82 -9.46
C ILE A 10 -5.80 -1.07 -10.85
N ILE A 11 -6.83 -0.28 -11.18
CA ILE A 11 -7.48 -0.41 -12.47
C ILE A 11 -6.53 0.08 -13.57
N HIS A 12 -5.74 1.07 -13.21
CA HIS A 12 -4.78 1.63 -14.16
C HIS A 12 -3.81 0.54 -14.62
N ILE A 13 -3.18 -0.10 -13.64
CA ILE A 13 -2.23 -1.17 -13.93
C ILE A 13 -2.80 -2.07 -15.01
N ILE A 14 -3.92 -2.71 -14.69
CA ILE A 14 -4.57 -3.60 -15.63
C ILE A 14 -4.75 -2.88 -16.97
N LYS A 15 -5.18 -1.63 -16.88
CA LYS A 15 -5.40 -0.84 -18.08
C LYS A 15 -4.04 -0.43 -18.66
N LYS A 16 -3.00 -0.68 -17.88
CA LYS A 16 -1.65 -0.34 -18.31
C LYS A 16 -0.85 -1.63 -18.51
N TYR A 17 -1.11 -2.59 -17.64
CA TYR A 17 -0.42 -3.87 -17.70
C TYR A 17 -1.29 -4.92 -18.39
N GLY A 18 -2.42 -4.47 -18.92
CA GLY A 18 -3.34 -5.35 -19.60
C GLY A 18 -2.59 -6.48 -20.30
N LYS A 1 -0.70 -0.81 2.66
CA LYS A 1 0.10 0.03 1.77
C LYS A 1 -0.21 -0.34 0.32
N ASN A 2 -0.22 -1.64 0.05
CA ASN A 2 -0.50 -2.13 -1.29
C ASN A 2 0.57 -1.62 -2.24
N LEU A 3 1.28 -2.57 -2.85
CA LEU A 3 2.33 -2.24 -3.79
C LEU A 3 2.45 -3.33 -4.84
N ARG A 4 1.32 -3.65 -5.45
CA ARG A 4 1.27 -4.68 -6.47
C ARG A 4 1.57 -4.08 -7.84
N ARG A 5 2.81 -3.68 -8.02
CA ARG A 5 3.24 -3.08 -9.28
C ARG A 5 2.86 -1.59 -9.33
N ILE A 6 2.18 -1.16 -8.27
CA ILE A 6 1.75 0.23 -8.17
C ILE A 6 2.79 1.12 -8.86
N THR A 7 4.04 0.73 -8.73
CA THR A 7 5.12 1.49 -9.33
C THR A 7 4.69 2.05 -10.69
N ARG A 8 3.87 1.27 -11.37
CA ARG A 8 3.38 1.68 -12.68
C ARG A 8 2.50 2.92 -12.56
N LYS A 9 1.56 2.85 -11.63
CA LYS A 9 0.64 3.95 -11.39
C LYS A 9 1.43 5.16 -10.89
N ILE A 10 2.51 4.87 -10.17
CA ILE A 10 3.35 5.92 -9.63
C ILE A 10 3.88 6.79 -10.78
N ILE A 11 4.44 6.11 -11.78
CA ILE A 11 4.98 6.81 -12.93
C ILE A 11 3.84 7.42 -13.74
N HIS A 12 2.71 6.72 -13.75
CA HIS A 12 1.55 7.17 -14.48
C HIS A 12 1.11 8.54 -13.93
N ILE A 13 0.89 8.58 -12.63
CA ILE A 13 0.47 9.81 -11.98
C ILE A 13 1.29 10.98 -12.52
N ILE A 14 2.60 10.90 -12.30
CA ILE A 14 3.50 11.94 -12.75
C ILE A 14 3.25 12.20 -14.24
N LYS A 15 3.11 11.12 -14.98
CA LYS A 15 2.87 11.22 -16.41
C LYS A 15 1.43 11.69 -16.66
N LYS A 16 0.66 11.68 -15.57
CA LYS A 16 -0.73 12.10 -15.66
C LYS A 16 -0.92 13.40 -14.86
N TYR A 17 -0.21 13.48 -13.75
CA TYR A 17 -0.28 14.65 -12.90
C TYR A 17 0.90 15.59 -13.16
N GLY A 18 1.68 15.25 -14.16
CA GLY A 18 2.84 16.05 -14.52
C GLY A 18 2.60 17.53 -14.22
N LYS A 1 -0.70 -0.81 2.66
CA LYS A 1 0.10 0.03 1.77
C LYS A 1 0.37 -0.73 0.46
N ASN A 2 -0.71 -1.09 -0.21
CA ASN A 2 -0.62 -1.81 -1.46
C ASN A 2 -1.27 -1.00 -2.58
N LEU A 3 -2.54 -0.71 -2.39
CA LEU A 3 -3.29 0.06 -3.36
C LEU A 3 -4.28 0.97 -2.63
N ARG A 4 -3.76 1.73 -1.69
CA ARG A 4 -4.59 2.64 -0.91
C ARG A 4 -4.93 3.88 -1.75
N ARG A 5 -5.76 3.66 -2.75
CA ARG A 5 -6.17 4.75 -3.62
C ARG A 5 -5.05 5.12 -4.59
N ILE A 6 -3.94 4.39 -4.47
CA ILE A 6 -2.79 4.63 -5.31
C ILE A 6 -3.27 5.09 -6.69
N THR A 7 -4.39 4.51 -7.12
CA THR A 7 -4.96 4.85 -8.41
C THR A 7 -4.76 6.33 -8.71
N ARG A 8 -4.82 7.13 -7.65
CA ARG A 8 -4.66 8.57 -7.78
C ARG A 8 -3.24 8.89 -8.24
N LYS A 9 -2.28 8.31 -7.56
CA LYS A 9 -0.88 8.53 -7.88
C LYS A 9 -0.60 7.98 -9.29
N ILE A 10 -1.33 6.94 -9.64
CA ILE A 10 -1.17 6.31 -10.94
C ILE A 10 -1.44 7.34 -12.03
N ILE A 11 -2.57 8.02 -11.90
CA ILE A 11 -2.96 9.03 -12.87
C ILE A 11 -2.03 10.23 -12.74
N HIS A 12 -1.60 10.48 -11.52
CA HIS A 12 -0.70 11.59 -11.24
C HIS A 12 0.60 11.42 -12.03
N ILE A 13 1.21 10.26 -11.84
CA ILE A 13 2.45 9.95 -12.53
C ILE A 13 2.34 10.38 -14.00
N ILE A 14 1.41 9.75 -14.69
CA ILE A 14 1.18 10.05 -16.10
C ILE A 14 1.03 11.56 -16.27
N LYS A 15 0.25 12.15 -15.37
CA LYS A 15 0.01 13.59 -15.41
C LYS A 15 1.28 14.32 -14.95
N LYS A 16 2.21 13.55 -14.41
CA LYS A 16 3.46 14.12 -13.93
C LYS A 16 4.61 13.61 -14.80
N TYR A 17 4.50 12.35 -15.21
CA TYR A 17 5.52 11.74 -16.04
C TYR A 17 5.10 11.74 -17.51
N GLY A 18 3.99 12.41 -17.78
CA GLY A 18 3.47 12.50 -19.13
C GLY A 18 4.61 12.50 -20.15
N LYS A 1 -0.70 -0.81 2.66
CA LYS A 1 0.10 0.03 1.77
C LYS A 1 -0.59 1.38 1.59
N ASN A 2 0.09 2.42 2.04
CA ASN A 2 -0.45 3.77 1.93
C ASN A 2 -1.74 3.86 2.74
N LEU A 3 -1.75 4.81 3.66
CA LEU A 3 -2.92 5.02 4.50
C LEU A 3 -3.39 6.47 4.38
N ARG A 4 -3.60 6.88 3.14
CA ARG A 4 -4.06 8.23 2.87
C ARG A 4 -5.57 8.35 3.09
N ARG A 5 -5.97 8.19 4.34
CA ARG A 5 -7.38 8.28 4.69
C ARG A 5 -8.08 6.96 4.36
N ILE A 6 -7.32 6.04 3.79
CA ILE A 6 -7.86 4.74 3.43
C ILE A 6 -8.94 4.34 4.43
N THR A 7 -8.71 4.71 5.67
CA THR A 7 -9.66 4.40 6.74
C THR A 7 -11.09 4.51 6.22
N ARG A 8 -11.29 5.46 5.31
CA ARG A 8 -12.60 5.68 4.73
C ARG A 8 -13.03 4.47 3.90
N LYS A 9 -12.12 4.02 3.05
CA LYS A 9 -12.39 2.87 2.21
C LYS A 9 -12.57 1.63 3.08
N ILE A 10 -11.88 1.63 4.21
CA ILE A 10 -11.96 0.52 5.13
C ILE A 10 -13.41 0.34 5.59
N ILE A 11 -13.99 1.44 6.04
CA ILE A 11 -15.36 1.42 6.50
C ILE A 11 -16.30 1.18 5.32
N HIS A 12 -15.90 1.71 4.17
CA HIS A 12 -16.69 1.57 2.96
C HIS A 12 -16.85 0.09 2.63
N ILE A 13 -15.72 -0.59 2.53
CA ILE A 13 -15.72 -2.01 2.23
C ILE A 13 -16.81 -2.71 3.04
N ILE A 14 -16.63 -2.64 4.35
CA ILE A 14 -17.59 -3.25 5.26
C ILE A 14 -19.01 -2.80 4.91
N LYS A 15 -19.12 -1.51 4.62
CA LYS A 15 -20.40 -0.93 4.26
C LYS A 15 -20.75 -1.32 2.81
N LYS A 16 -19.77 -1.93 2.15
CA LYS A 16 -19.96 -2.35 0.78
C LYS A 16 -19.88 -3.87 0.71
N TYR A 17 -18.99 -4.44 1.52
CA TYR A 17 -18.81 -5.88 1.56
C TYR A 17 -19.55 -6.49 2.74
N GLY A 18 -19.47 -5.80 3.87
CA GLY A 18 -20.13 -6.28 5.07
C GLY A 18 -20.16 -7.80 5.13
N LYS A 1 -0.70 -0.81 2.66
CA LYS A 1 0.10 0.03 1.77
C LYS A 1 1.59 -0.18 2.08
N ASN A 2 1.90 -0.09 3.36
CA ASN A 2 3.27 -0.27 3.81
C ASN A 2 3.44 -1.67 4.40
N LEU A 3 3.69 -2.62 3.52
CA LEU A 3 3.88 -3.99 3.93
C LEU A 3 2.84 -4.35 4.99
N ARG A 4 1.62 -3.88 4.76
CA ARG A 4 0.53 -4.14 5.69
C ARG A 4 -0.38 -5.25 5.15
N ARG A 5 0.11 -6.48 5.29
CA ARG A 5 -0.64 -7.63 4.83
C ARG A 5 -0.58 -7.73 3.30
N ILE A 6 0.14 -6.79 2.71
CA ILE A 6 0.29 -6.75 1.27
C ILE A 6 0.28 -8.18 0.73
N THR A 7 0.86 -9.08 1.50
CA THR A 7 0.92 -10.48 1.10
C THR A 7 -0.37 -10.89 0.40
N ARG A 8 -1.47 -10.31 0.86
CA ARG A 8 -2.77 -10.61 0.28
C ARG A 8 -2.82 -10.14 -1.18
N LYS A 9 -2.40 -8.90 -1.38
CA LYS A 9 -2.40 -8.32 -2.72
C LYS A 9 -1.42 -9.09 -3.59
N ILE A 10 -0.38 -9.62 -2.96
CA ILE A 10 0.63 -10.37 -3.67
C ILE A 10 -0.02 -11.58 -4.35
N ILE A 11 -0.79 -12.32 -3.57
CA ILE A 11 -1.47 -13.50 -4.08
C ILE A 11 -2.58 -13.05 -5.04
N HIS A 12 -3.16 -11.91 -4.73
CA HIS A 12 -4.24 -11.38 -5.56
C HIS A 12 -3.71 -11.11 -6.97
N ILE A 13 -2.68 -10.28 -7.03
CA ILE A 13 -2.07 -9.94 -8.31
C ILE A 13 -1.99 -11.19 -9.19
N ILE A 14 -1.23 -12.16 -8.70
CA ILE A 14 -1.06 -13.40 -9.43
C ILE A 14 -2.44 -13.94 -9.84
N LYS A 15 -3.32 -14.03 -8.85
CA LYS A 15 -4.66 -14.53 -9.10
C LYS A 15 -5.41 -13.54 -9.98
N LYS A 16 -4.80 -12.37 -10.16
CA LYS A 16 -5.40 -11.33 -10.98
C LYS A 16 -4.57 -11.15 -12.25
N TYR A 17 -3.26 -11.25 -12.09
CA TYR A 17 -2.34 -11.10 -13.20
C TYR A 17 -1.94 -12.46 -13.77
N GLY A 18 -1.58 -13.36 -12.86
CA GLY A 18 -1.17 -14.70 -13.26
C GLY A 18 -1.92 -15.16 -14.51
N LYS A 1 -0.70 -0.81 2.66
CA LYS A 1 0.10 0.03 1.77
C LYS A 1 0.04 -0.54 0.35
N ASN A 2 0.21 -1.85 0.26
CA ASN A 2 0.18 -2.53 -1.03
C ASN A 2 -1.25 -2.51 -1.57
N LEU A 3 -1.43 -3.18 -2.70
CA LEU A 3 -2.74 -3.25 -3.33
C LEU A 3 -3.08 -1.87 -3.91
N ARG A 4 -4.35 -1.72 -4.28
CA ARG A 4 -4.82 -0.47 -4.85
C ARG A 4 -4.76 -0.52 -6.37
N ARG A 5 -5.48 -1.48 -6.93
CA ARG A 5 -5.52 -1.65 -8.38
C ARG A 5 -4.38 -2.57 -8.84
N ILE A 6 -3.37 -2.67 -7.98
CA ILE A 6 -2.22 -3.50 -8.29
C ILE A 6 -2.68 -4.71 -9.11
N THR A 7 -3.87 -5.18 -8.80
CA THR A 7 -4.44 -6.33 -9.50
C THR A 7 -4.03 -6.29 -10.98
N ARG A 8 -3.93 -5.09 -11.51
CA ARG A 8 -3.56 -4.91 -12.90
C ARG A 8 -2.12 -5.39 -13.13
N LYS A 9 -1.23 -4.92 -12.27
CA LYS A 9 0.16 -5.29 -12.37
C LYS A 9 0.31 -6.79 -12.12
N ILE A 10 -0.59 -7.32 -11.30
CA ILE A 10 -0.57 -8.74 -10.98
C ILE A 10 -0.72 -9.55 -12.26
N ILE A 11 -1.74 -9.19 -13.03
CA ILE A 11 -2.00 -9.87 -14.28
C ILE A 11 -0.89 -9.55 -15.29
N HIS A 12 -0.39 -8.32 -15.18
CA HIS A 12 0.67 -7.88 -16.07
C HIS A 12 1.89 -8.79 -15.91
N ILE A 13 2.31 -8.96 -14.67
CA ILE A 13 3.46 -9.80 -14.37
C ILE A 13 3.40 -11.07 -15.24
N ILE A 14 2.39 -11.88 -14.96
CA ILE A 14 2.20 -13.11 -15.70
C ILE A 14 2.34 -12.83 -17.19
N LYS A 15 1.54 -11.89 -17.66
CA LYS A 15 1.55 -11.52 -19.06
C LYS A 15 2.95 -11.02 -19.44
N LYS A 16 3.73 -10.71 -18.41
CA LYS A 16 5.08 -10.22 -18.61
C LYS A 16 6.08 -11.28 -18.16
N TYR A 17 5.72 -11.96 -17.08
CA TYR A 17 6.58 -13.01 -16.54
C TYR A 17 6.11 -14.39 -17.00
N GLY A 18 5.23 -14.39 -18.00
CA GLY A 18 4.69 -15.62 -18.53
C GLY A 18 5.73 -16.74 -18.46
N LYS A 1 -0.70 -0.81 2.66
CA LYS A 1 0.10 0.03 1.77
C LYS A 1 1.58 -0.19 2.07
N ASN A 2 2.00 0.36 3.20
CA ASN A 2 3.39 0.25 3.62
C ASN A 2 3.45 0.12 5.14
N LEU A 3 2.96 1.15 5.81
CA LEU A 3 2.95 1.16 7.26
C LEU A 3 2.09 2.33 7.76
N ARG A 4 0.99 2.54 7.05
CA ARG A 4 0.09 3.62 7.40
C ARG A 4 -0.45 3.42 8.83
N ARG A 5 -1.68 3.85 9.03
CA ARG A 5 -2.33 3.73 10.32
C ARG A 5 -2.08 2.33 10.90
N ILE A 6 -1.79 1.40 10.01
CA ILE A 6 -1.54 0.03 10.41
C ILE A 6 -0.89 0.02 11.81
N THR A 7 -0.06 1.03 12.04
CA THR A 7 0.62 1.15 13.31
C THR A 7 -0.29 0.69 14.45
N ARG A 8 -1.57 0.93 14.28
CA ARG A 8 -2.55 0.55 15.28
C ARG A 8 -2.63 -0.98 15.39
N LYS A 9 -2.75 -1.61 14.24
CA LYS A 9 -2.83 -3.06 14.19
C LYS A 9 -1.52 -3.66 14.69
N ILE A 10 -0.44 -2.93 14.45
CA ILE A 10 0.88 -3.37 14.87
C ILE A 10 0.89 -3.56 16.39
N ILE A 11 0.42 -2.54 17.08
CA ILE A 11 0.38 -2.58 18.54
C ILE A 11 -0.69 -3.61 18.97
N HIS A 12 -1.74 -3.69 18.18
CA HIS A 12 -2.82 -4.61 18.46
C HIS A 12 -2.28 -6.03 18.52
N ILE A 13 -1.58 -6.41 17.46
CA ILE A 13 -1.01 -7.75 17.36
C ILE A 13 -0.43 -8.14 18.73
N ILE A 14 0.61 -7.42 19.11
CA ILE A 14 1.27 -7.68 20.38
C ILE A 14 0.20 -7.82 21.48
N LYS A 15 -0.63 -6.79 21.59
CA LYS A 15 -1.68 -6.79 22.59
C LYS A 15 -2.61 -7.97 22.34
N LYS A 16 -2.49 -8.54 21.15
CA LYS A 16 -3.32 -9.68 20.78
C LYS A 16 -2.45 -10.93 20.70
N TYR A 17 -1.23 -10.74 20.21
CA TYR A 17 -0.30 -11.84 20.08
C TYR A 17 0.69 -11.87 21.25
N GLY A 18 0.36 -11.10 22.27
CA GLY A 18 1.20 -11.03 23.45
C GLY A 18 1.92 -12.36 23.71
N LYS A 1 -0.70 -0.81 2.66
CA LYS A 1 0.10 0.03 1.77
C LYS A 1 1.47 0.28 2.40
N ASN A 2 1.45 1.04 3.48
CA ASN A 2 2.67 1.36 4.19
C ASN A 2 3.78 1.64 3.18
N LEU A 3 3.83 2.89 2.74
CA LEU A 3 4.84 3.30 1.78
C LEU A 3 5.46 4.63 2.22
N ARG A 4 5.62 4.75 3.53
CA ARG A 4 6.20 5.96 4.11
C ARG A 4 7.61 6.18 3.56
N ARG A 5 8.46 6.75 4.41
CA ARG A 5 9.83 7.02 4.03
C ARG A 5 10.44 5.81 3.33
N ILE A 6 9.85 4.65 3.60
CA ILE A 6 10.31 3.41 3.00
C ILE A 6 10.89 3.71 1.61
N THR A 7 10.27 4.66 0.94
CA THR A 7 10.71 5.04 -0.38
C THR A 7 12.24 4.98 -0.48
N ARG A 8 12.88 5.29 0.63
CA ARG A 8 14.33 5.27 0.69
C ARG A 8 14.85 3.85 0.51
N LYS A 9 14.26 2.94 1.27
CA LYS A 9 14.65 1.54 1.20
C LYS A 9 14.33 0.98 -0.19
N ILE A 10 13.28 1.53 -0.78
CA ILE A 10 12.86 1.11 -2.10
C ILE A 10 14.00 1.33 -3.09
N ILE A 11 14.53 2.54 -3.07
CA ILE A 11 15.64 2.89 -3.96
C ILE A 11 16.89 2.13 -3.53
N HIS A 12 17.02 1.92 -2.23
CA HIS A 12 18.16 1.21 -1.68
C HIS A 12 18.22 -0.19 -2.29
N ILE A 13 17.10 -0.90 -2.19
CA ILE A 13 17.02 -2.25 -2.70
C ILE A 13 17.73 -2.31 -4.06
N ILE A 14 17.17 -1.61 -5.02
CA ILE A 14 17.74 -1.57 -6.36
C ILE A 14 19.24 -1.32 -6.26
N LYS A 15 19.58 -0.23 -5.59
CA LYS A 15 20.97 0.14 -5.41
C LYS A 15 21.71 -0.98 -4.67
N LYS A 16 20.92 -1.86 -4.07
CA LYS A 16 21.48 -2.98 -3.33
C LYS A 16 21.19 -4.29 -4.08
N TYR A 17 20.01 -4.34 -4.68
CA TYR A 17 19.60 -5.51 -5.44
C TYR A 17 19.82 -5.31 -6.93
N GLY A 18 20.58 -4.26 -7.24
CA GLY A 18 20.87 -3.94 -8.63
C GLY A 18 19.71 -4.34 -9.54
N LYS A 1 -0.70 -0.81 2.66
CA LYS A 1 0.10 0.03 1.77
C LYS A 1 -0.75 0.44 0.56
N ASN A 2 -1.97 0.85 0.86
CA ASN A 2 -2.90 1.27 -0.18
C ASN A 2 -3.24 2.76 0.02
N LEU A 3 -3.85 3.04 1.16
CA LEU A 3 -4.24 4.40 1.49
C LEU A 3 -4.62 4.47 2.96
N ARG A 4 -3.97 3.64 3.76
CA ARG A 4 -4.24 3.60 5.19
C ARG A 4 -3.16 4.37 5.95
N ARG A 5 -2.18 3.63 6.44
CA ARG A 5 -1.08 4.23 7.19
C ARG A 5 -0.57 5.47 6.47
N ILE A 6 -0.79 5.50 5.16
CA ILE A 6 -0.36 6.62 4.34
C ILE A 6 -0.42 7.90 5.17
N THR A 7 -1.42 7.96 6.03
CA THR A 7 -1.61 9.11 6.89
C THR A 7 -0.26 9.70 7.31
N ARG A 8 0.71 8.80 7.48
CA ARG A 8 2.04 9.20 7.87
C ARG A 8 2.69 10.04 6.77
N LYS A 9 2.63 9.51 5.55
CA LYS A 9 3.20 10.19 4.41
C LYS A 9 2.46 11.51 4.18
N ILE A 10 1.18 11.51 4.53
CA ILE A 10 0.36 12.68 4.36
C ILE A 10 0.96 13.84 5.17
N ILE A 11 1.24 13.55 6.42
CA ILE A 11 1.81 14.55 7.31
C ILE A 11 3.24 14.85 6.87
N HIS A 12 3.91 13.82 6.37
CA HIS A 12 5.27 13.95 5.91
C HIS A 12 5.35 15.00 4.80
N ILE A 13 4.50 14.80 3.80
CA ILE A 13 4.46 15.73 2.67
C ILE A 13 4.57 17.16 3.18
N ILE A 14 3.56 17.58 3.92
CA ILE A 14 3.54 18.92 4.47
C ILE A 14 4.90 19.22 5.13
N LYS A 15 5.28 18.35 6.05
CA LYS A 15 6.54 18.51 6.74
C LYS A 15 7.68 18.47 5.73
N LYS A 16 7.37 18.02 4.54
CA LYS A 16 8.35 17.93 3.47
C LYS A 16 8.03 18.97 2.40
N TYR A 17 6.73 19.15 2.15
CA TYR A 17 6.28 20.09 1.15
C TYR A 17 5.85 21.41 1.81
N GLY A 18 6.22 21.55 3.08
CA GLY A 18 5.89 22.76 3.83
C GLY A 18 5.85 23.97 2.91
N LYS A 1 -0.70 -0.81 2.66
CA LYS A 1 0.10 0.03 1.77
C LYS A 1 1.39 0.43 2.48
N ASN A 2 1.34 1.58 3.12
CA ASN A 2 2.50 2.09 3.84
C ASN A 2 2.04 3.15 4.85
N LEU A 3 1.10 2.74 5.70
CA LEU A 3 0.57 3.64 6.71
C LEU A 3 0.30 5.01 6.08
N ARG A 4 -0.08 4.97 4.81
CA ARG A 4 -0.38 6.20 4.08
C ARG A 4 -1.81 6.16 3.54
N ARG A 5 -2.65 5.40 4.23
CA ARG A 5 -4.04 5.28 3.84
C ARG A 5 -4.64 3.99 4.41
N ILE A 6 -3.76 3.06 4.72
CA ILE A 6 -4.19 1.79 5.28
C ILE A 6 -5.45 2.00 6.11
N THR A 7 -5.51 3.14 6.77
CA THR A 7 -6.66 3.48 7.59
C THR A 7 -7.95 2.95 6.97
N ARG A 8 -7.96 2.96 5.63
CA ARG A 8 -9.12 2.49 4.90
C ARG A 8 -9.31 0.98 5.11
N LYS A 9 -8.22 0.25 4.93
CA LYS A 9 -8.25 -1.19 5.11
C LYS A 9 -8.57 -1.52 6.56
N ILE A 10 -8.13 -0.63 7.45
CA ILE A 10 -8.37 -0.81 8.86
C ILE A 10 -9.87 -0.89 9.13
N ILE A 11 -10.59 0.09 8.60
CA ILE A 11 -12.03 0.14 8.77
C ILE A 11 -12.67 -1.00 7.98
N HIS A 12 -12.06 -1.33 6.85
CA HIS A 12 -12.55 -2.39 6.00
C HIS A 12 -12.57 -3.71 6.78
N ILE A 13 -11.41 -4.05 7.32
CA ILE A 13 -11.28 -5.27 8.10
C ILE A 13 -12.49 -5.43 9.02
N ILE A 14 -12.61 -4.47 9.92
CA ILE A 14 -13.72 -4.48 10.88
C ILE A 14 -15.03 -4.66 10.12
N LYS A 15 -15.15 -3.92 9.03
CA LYS A 15 -16.35 -3.99 8.20
C LYS A 15 -16.36 -5.31 7.43
N LYS A 16 -15.22 -5.99 7.48
CA LYS A 16 -15.09 -7.26 6.79
C LYS A 16 -14.94 -8.38 7.82
N TYR A 17 -14.21 -8.07 8.89
CA TYR A 17 -13.98 -9.03 9.95
C TYR A 17 -14.93 -8.80 11.13
N GLY A 18 -15.87 -7.88 10.92
CA GLY A 18 -16.85 -7.56 11.94
C GLY A 18 -17.17 -8.78 12.79
N LYS A 1 -0.70 -0.81 2.66
CA LYS A 1 0.10 0.03 1.77
C LYS A 1 1.13 -0.85 1.06
N ASN A 2 0.84 -2.13 1.00
CA ASN A 2 1.74 -3.09 0.36
C ASN A 2 0.98 -4.37 0.04
N LEU A 3 1.71 -5.35 -0.47
CA LEU A 3 1.12 -6.62 -0.82
C LEU A 3 -0.14 -6.38 -1.66
N ARG A 4 -0.87 -7.47 -1.90
CA ARG A 4 -2.09 -7.39 -2.68
C ARG A 4 -1.80 -7.70 -4.15
N ARG A 5 -1.29 -8.90 -4.38
CA ARG A 5 -0.96 -9.34 -5.73
C ARG A 5 0.47 -8.92 -6.09
N ILE A 6 0.97 -7.96 -5.33
CA ILE A 6 2.33 -7.47 -5.56
C ILE A 6 3.21 -8.61 -6.05
N THR A 7 2.92 -9.80 -5.53
CA THR A 7 3.68 -10.98 -5.91
C THR A 7 4.04 -10.94 -7.40
N ARG A 8 3.10 -10.43 -8.19
CA ARG A 8 3.32 -10.32 -9.62
C ARG A 8 4.50 -9.39 -9.91
N LYS A 9 4.51 -8.27 -9.21
CA LYS A 9 5.57 -7.28 -9.39
C LYS A 9 6.89 -7.87 -8.87
N ILE A 10 6.77 -8.71 -7.85
CA ILE A 10 7.94 -9.34 -7.26
C ILE A 10 8.69 -10.13 -8.34
N ILE A 11 7.94 -10.94 -9.06
CA ILE A 11 8.51 -11.76 -10.12
C ILE A 11 8.94 -10.85 -11.28
N HIS A 12 8.17 -9.80 -11.48
CA HIS A 12 8.46 -8.85 -12.54
C HIS A 12 9.84 -8.25 -12.33
N ILE A 13 10.06 -7.73 -11.13
CA ILE A 13 11.33 -7.13 -10.79
C ILE A 13 12.46 -7.97 -11.37
N ILE A 14 12.58 -9.18 -10.84
CA ILE A 14 13.62 -10.10 -11.29
C ILE A 14 13.63 -10.14 -12.82
N LYS A 15 12.47 -10.43 -13.39
CA LYS A 15 12.34 -10.50 -14.83
C LYS A 15 12.68 -9.14 -15.43
N LYS A 16 12.71 -8.13 -14.57
CA LYS A 16 13.03 -6.78 -15.00
C LYS A 16 14.40 -6.38 -14.46
N TYR A 17 14.66 -6.82 -13.23
CA TYR A 17 15.93 -6.51 -12.59
C TYR A 17 16.90 -7.69 -12.70
N GLY A 18 16.55 -8.62 -13.59
CA GLY A 18 17.38 -9.79 -13.80
C GLY A 18 18.86 -9.45 -13.61
N LYS A 1 -0.70 -0.81 2.66
CA LYS A 1 0.10 0.03 1.77
C LYS A 1 0.12 -0.60 0.37
N ASN A 2 0.75 -1.76 0.28
CA ASN A 2 0.85 -2.47 -0.98
C ASN A 2 0.23 -3.86 -0.83
N LEU A 3 0.55 -4.50 0.28
CA LEU A 3 0.04 -5.82 0.56
C LEU A 3 0.28 -6.72 -0.66
N ARG A 4 -0.20 -7.95 -0.56
CA ARG A 4 -0.05 -8.90 -1.64
C ARG A 4 1.28 -9.64 -1.53
N ARG A 5 1.28 -10.69 -0.72
CA ARG A 5 2.48 -11.48 -0.50
C ARG A 5 3.31 -10.90 0.64
N ILE A 6 3.11 -9.61 0.86
CA ILE A 6 3.84 -8.92 1.92
C ILE A 6 4.08 -9.87 3.08
N THR A 7 3.12 -10.76 3.28
CA THR A 7 3.21 -11.74 4.36
C THR A 7 4.65 -12.21 4.52
N ARG A 8 5.35 -12.27 3.41
CA ARG A 8 6.74 -12.71 3.41
C ARG A 8 7.61 -11.70 4.17
N LYS A 9 7.44 -10.43 3.83
CA LYS A 9 8.19 -9.37 4.47
C LYS A 9 7.81 -9.31 5.96
N ILE A 10 6.57 -9.68 6.23
CA ILE A 10 6.08 -9.67 7.61
C ILE A 10 6.94 -10.61 8.45
N ILE A 11 7.11 -11.83 7.96
CA ILE A 11 7.91 -12.82 8.66
C ILE A 11 9.38 -12.40 8.62
N HIS A 12 9.75 -11.78 7.52
CA HIS A 12 11.12 -11.32 7.36
C HIS A 12 11.48 -10.33 8.47
N ILE A 13 10.67 -9.30 8.60
CA ILE A 13 10.88 -8.29 9.61
C ILE A 13 11.24 -8.98 10.93
N ILE A 14 10.30 -9.77 11.42
CA ILE A 14 10.51 -10.49 12.68
C ILE A 14 11.83 -11.25 12.62
N LYS A 15 12.07 -11.86 11.47
CA LYS A 15 13.29 -12.63 11.27
C LYS A 15 14.45 -11.65 11.04
N LYS A 16 14.11 -10.38 10.90
CA LYS A 16 15.11 -9.36 10.68
C LYS A 16 15.13 -8.40 11.87
N TYR A 17 13.94 -8.14 12.39
CA TYR A 17 13.79 -7.24 13.53
C TYR A 17 13.66 -8.03 14.84
N GLY A 18 12.89 -9.10 14.77
CA GLY A 18 12.67 -9.95 15.93
C GLY A 18 12.70 -9.12 17.22
N LYS A 1 -0.70 -0.81 2.66
CA LYS A 1 0.10 0.03 1.77
C LYS A 1 0.63 -0.83 0.61
N ASN A 2 0.19 -0.48 -0.59
CA ASN A 2 0.60 -1.20 -1.78
C ASN A 2 2.14 -1.16 -1.88
N LEU A 3 2.66 -1.99 -2.77
CA LEU A 3 4.09 -2.06 -2.98
C LEU A 3 4.52 -1.00 -4.00
N ARG A 4 5.64 -1.25 -4.64
CA ARG A 4 6.17 -0.33 -5.63
C ARG A 4 7.18 0.62 -5.00
N ARG A 5 7.98 0.06 -4.10
CA ARG A 5 9.00 0.85 -3.42
C ARG A 5 8.40 1.51 -2.17
N ILE A 6 7.09 1.66 -2.19
CA ILE A 6 6.39 2.28 -1.07
C ILE A 6 7.12 1.92 0.24
N THR A 7 7.66 0.71 0.26
CA THR A 7 8.38 0.24 1.43
C THR A 7 9.15 1.39 2.09
N ARG A 8 9.63 2.29 1.24
CA ARG A 8 10.38 3.44 1.72
C ARG A 8 9.48 4.36 2.56
N LYS A 9 8.32 4.67 1.99
CA LYS A 9 7.37 5.53 2.67
C LYS A 9 6.88 4.83 3.94
N ILE A 10 6.85 3.51 3.88
CA ILE A 10 6.40 2.72 5.02
C ILE A 10 7.30 3.01 6.22
N ILE A 11 8.60 2.92 5.98
CA ILE A 11 9.56 3.18 7.05
C ILE A 11 9.55 4.67 7.39
N HIS A 12 9.30 5.48 6.38
CA HIS A 12 9.26 6.92 6.57
C HIS A 12 8.15 7.27 7.56
N ILE A 13 6.94 6.86 7.20
CA ILE A 13 5.78 7.13 8.04
C ILE A 13 6.16 6.92 9.50
N ILE A 14 6.53 5.68 9.82
CA ILE A 14 6.92 5.35 11.18
C ILE A 14 7.95 6.36 11.68
N LYS A 15 8.98 6.55 10.88
CA LYS A 15 10.03 7.50 11.22
C LYS A 15 9.48 8.92 11.21
N LYS A 16 8.26 9.03 10.70
CA LYS A 16 7.60 10.33 10.62
C LYS A 16 6.41 10.34 11.59
N TYR A 17 5.73 9.21 11.66
CA TYR A 17 4.58 9.07 12.53
C TYR A 17 4.97 8.42 13.86
N GLY A 18 5.72 7.34 13.75
CA GLY A 18 6.16 6.62 14.93
C GLY A 18 6.38 7.57 16.11
N LYS A 1 -0.70 -0.81 2.66
CA LYS A 1 0.10 0.03 1.77
C LYS A 1 -0.06 -0.47 0.33
N ASN A 2 -1.32 -0.70 -0.05
CA ASN A 2 -1.63 -1.17 -1.39
C ASN A 2 -2.99 -0.64 -1.81
N LEU A 3 -4.02 -1.14 -1.14
CA LEU A 3 -5.37 -0.72 -1.43
C LEU A 3 -6.31 -1.19 -0.31
N ARG A 4 -5.78 -1.15 0.90
CA ARG A 4 -6.54 -1.56 2.06
C ARG A 4 -7.80 -0.70 2.21
N ARG A 5 -8.19 -0.50 3.46
CA ARG A 5 -9.37 0.30 3.75
C ARG A 5 -9.36 1.58 2.89
N ILE A 6 -8.17 1.96 2.46
CA ILE A 6 -8.02 3.15 1.64
C ILE A 6 -9.28 3.34 0.78
N THR A 7 -9.84 2.21 0.36
CA THR A 7 -11.05 2.25 -0.45
C THR A 7 -11.96 3.40 -0.02
N ARG A 8 -11.94 3.67 1.28
CA ARG A 8 -12.76 4.73 1.84
C ARG A 8 -12.28 6.10 1.30
N LYS A 9 -10.98 6.31 1.41
CA LYS A 9 -10.38 7.55 0.95
C LYS A 9 -10.57 7.67 -0.56
N ILE A 10 -10.59 6.52 -1.22
CA ILE A 10 -10.76 6.48 -2.66
C ILE A 10 -12.10 7.15 -3.03
N ILE A 11 -13.15 6.70 -2.36
CA ILE A 11 -14.47 7.24 -2.61
C ILE A 11 -14.52 8.69 -2.11
N HIS A 12 -13.80 8.94 -1.03
CA HIS A 12 -13.76 10.26 -0.44
C HIS A 12 -13.23 11.27 -1.47
N ILE A 13 -12.06 10.96 -2.00
CA ILE A 13 -11.44 11.82 -3.00
C ILE A 13 -12.49 12.27 -4.02
N ILE A 14 -13.06 11.29 -4.70
CA ILE A 14 -14.07 11.56 -5.71
C ILE A 14 -15.16 12.44 -5.08
N LYS A 15 -15.53 12.09 -3.86
CA LYS A 15 -16.55 12.84 -3.15
C LYS A 15 -15.96 14.15 -2.64
N LYS A 16 -14.65 14.28 -2.80
CA LYS A 16 -13.96 15.48 -2.35
C LYS A 16 -13.35 16.18 -3.58
N TYR A 17 -12.87 15.38 -4.51
CA TYR A 17 -12.28 15.91 -5.72
C TYR A 17 -13.28 15.88 -6.88
N GLY A 18 -14.01 14.79 -6.96
CA GLY A 18 -15.00 14.61 -8.02
C GLY A 18 -14.55 15.31 -9.30
N LYS A 1 -0.70 -0.81 2.66
CA LYS A 1 0.10 0.03 1.77
C LYS A 1 -0.09 1.49 2.15
N ASN A 2 0.72 2.34 1.53
CA ASN A 2 0.64 3.76 1.80
C ASN A 2 0.98 4.03 3.26
N LEU A 3 1.22 5.29 3.57
CA LEU A 3 1.55 5.69 4.93
C LEU A 3 0.31 6.27 5.61
N ARG A 4 -0.80 5.56 5.44
CA ARG A 4 -2.06 6.00 6.03
C ARG A 4 -2.33 5.21 7.32
N ARG A 5 -3.15 4.18 7.18
CA ARG A 5 -3.50 3.34 8.31
C ARG A 5 -2.26 3.00 9.13
N ILE A 6 -1.12 3.03 8.45
CA ILE A 6 0.14 2.73 9.10
C ILE A 6 0.09 3.19 10.55
N THR A 7 -0.61 4.29 10.77
CA THR A 7 -0.75 4.84 12.11
C THR A 7 -0.84 3.72 13.14
N ARG A 8 -1.45 2.62 12.73
CA ARG A 8 -1.61 1.48 13.61
C ARG A 8 -0.24 0.87 13.93
N LYS A 9 0.54 0.65 12.89
CA LYS A 9 1.86 0.07 13.03
C LYS A 9 2.75 1.04 13.83
N ILE A 10 2.45 2.32 13.67
CA ILE A 10 3.21 3.36 14.36
C ILE A 10 3.09 3.13 15.86
N ILE A 11 1.85 2.99 16.32
CA ILE A 11 1.60 2.78 17.74
C ILE A 11 2.11 1.38 18.14
N HIS A 12 2.01 0.46 17.19
CA HIS A 12 2.44 -0.90 17.44
C HIS A 12 3.94 -0.90 17.77
N ILE A 13 4.71 -0.32 16.87
CA ILE A 13 6.15 -0.24 17.06
C ILE A 13 6.46 0.13 18.51
N ILE A 14 6.01 1.33 18.88
CA ILE A 14 6.23 1.82 20.23
C ILE A 14 5.78 0.76 21.24
N LYS A 15 4.62 0.18 20.96
CA LYS A 15 4.07 -0.85 21.82
C LYS A 15 4.87 -2.15 21.64
N LYS A 16 5.72 -2.14 20.62
CA LYS A 16 6.54 -3.30 20.33
C LYS A 16 8.01 -2.96 20.57
N TYR A 17 8.35 -1.73 20.23
CA TYR A 17 9.72 -1.25 20.40
C TYR A 17 9.85 -0.41 21.66
N GLY A 18 8.78 -0.39 22.44
CA GLY A 18 8.76 0.37 23.68
C GLY A 18 10.15 0.38 24.33
N LYS A 1 -0.70 -0.81 2.66
CA LYS A 1 0.10 0.03 1.77
C LYS A 1 1.54 -0.48 1.76
N ASN A 2 2.26 -0.12 0.71
CA ASN A 2 3.65 -0.53 0.57
C ASN A 2 4.45 -0.02 1.77
N LEU A 3 5.75 0.05 1.58
CA LEU A 3 6.63 0.53 2.63
C LEU A 3 7.53 1.64 2.08
N ARG A 4 8.60 1.91 2.82
CA ARG A 4 9.54 2.95 2.42
C ARG A 4 9.11 4.31 2.99
N ARG A 5 9.52 5.35 2.29
CA ARG A 5 9.20 6.70 2.73
C ARG A 5 7.75 6.77 3.22
N ILE A 6 6.93 5.88 2.66
CA ILE A 6 5.53 5.83 3.04
C ILE A 6 5.38 6.22 4.51
N THR A 7 6.37 5.84 5.30
CA THR A 7 6.37 6.15 6.71
C THR A 7 5.74 7.53 6.96
N ARG A 8 5.96 8.42 6.01
CA ARG A 8 5.43 9.77 6.11
C ARG A 8 3.89 9.74 6.05
N LYS A 9 3.39 9.02 5.05
CA LYS A 9 1.95 8.90 4.88
C LYS A 9 1.35 8.18 6.08
N ILE A 10 2.16 7.30 6.66
CA ILE A 10 1.71 6.54 7.82
C ILE A 10 1.35 7.50 8.95
N ILE A 11 2.27 8.41 9.23
CA ILE A 11 2.06 9.38 10.28
C ILE A 11 0.97 10.37 9.85
N HIS A 12 0.94 10.63 8.55
CA HIS A 12 -0.05 11.54 8.00
C HIS A 12 -1.46 11.01 8.30
N ILE A 13 -1.69 9.78 7.89
CA ILE A 13 -2.99 9.16 8.10
C ILE A 13 -3.47 9.45 9.53
N ILE A 14 -2.68 8.99 10.49
CA ILE A 14 -3.01 9.19 11.90
C ILE A 14 -3.27 10.69 12.13
N LYS A 15 -2.43 11.51 11.53
CA LYS A 15 -2.56 12.95 11.67
C LYS A 15 -3.71 13.43 10.79
N LYS A 16 -4.23 12.53 9.98
CA LYS A 16 -5.33 12.86 9.10
C LYS A 16 -6.57 12.04 9.51
N TYR A 17 -6.31 10.80 9.91
CA TYR A 17 -7.39 9.93 10.34
C TYR A 17 -7.51 9.88 11.86
N GLY A 18 -6.36 9.84 12.51
CA GLY A 18 -6.32 9.80 13.96
C GLY A 18 -7.53 9.05 14.53
N LYS A 1 -0.70 -0.81 2.66
CA LYS A 1 0.10 0.03 1.77
C LYS A 1 0.72 -0.85 0.67
N ASN A 2 1.70 -1.65 1.09
CA ASN A 2 2.38 -2.54 0.16
C ASN A 2 2.30 -3.97 0.68
N LEU A 3 1.48 -4.77 0.01
CA LEU A 3 1.31 -6.16 0.40
C LEU A 3 1.03 -6.24 1.89
N ARG A 4 1.02 -7.47 2.40
CA ARG A 4 0.77 -7.69 3.81
C ARG A 4 -0.71 -7.99 4.04
N ARG A 5 -1.17 -9.07 3.43
CA ARG A 5 -2.57 -9.47 3.55
C ARG A 5 -3.41 -8.77 2.49
N ILE A 6 -2.89 -7.66 1.99
CA ILE A 6 -3.59 -6.90 0.97
C ILE A 6 -4.39 -7.84 0.09
N THR A 7 -3.83 -9.02 -0.12
CA THR A 7 -4.49 -10.02 -0.95
C THR A 7 -6.01 -9.96 -0.75
N ARG A 8 -6.40 -9.63 0.47
CA ARG A 8 -7.82 -9.54 0.80
C ARG A 8 -8.47 -8.41 0.02
N LYS A 9 -7.83 -7.25 0.08
CA LYS A 9 -8.34 -6.07 -0.61
C LYS A 9 -8.32 -6.33 -2.13
N ILE A 10 -7.34 -7.13 -2.54
CA ILE A 10 -7.21 -7.46 -3.95
C ILE A 10 -8.49 -8.14 -4.45
N ILE A 11 -8.90 -9.15 -3.69
CA ILE A 11 -10.10 -9.89 -4.06
C ILE A 11 -11.32 -8.99 -3.84
N HIS A 12 -11.23 -8.13 -2.84
CA HIS A 12 -12.31 -7.21 -2.54
C HIS A 12 -12.59 -6.32 -3.74
N ILE A 13 -11.53 -5.66 -4.20
CA ILE A 13 -11.64 -4.77 -5.34
C ILE A 13 -12.48 -5.45 -6.43
N ILE A 14 -11.99 -6.57 -6.91
CA ILE A 14 -12.68 -7.32 -7.95
C ILE A 14 -14.12 -7.55 -7.51
N LYS A 15 -14.27 -7.90 -6.24
CA LYS A 15 -15.60 -8.16 -5.70
C LYS A 15 -16.32 -6.83 -5.47
N LYS A 16 -15.57 -5.74 -5.64
CA LYS A 16 -16.11 -4.42 -5.44
C LYS A 16 -16.09 -3.66 -6.78
N TYR A 17 -15.04 -3.91 -7.54
CA TYR A 17 -14.88 -3.27 -8.83
C TYR A 17 -15.30 -4.20 -9.97
N GLY A 18 -14.90 -5.46 -9.83
CA GLY A 18 -15.23 -6.47 -10.83
C GLY A 18 -15.28 -5.85 -12.23
#